data_8OO5
#
_entry.id   8OO5
#
_cell.length_a   81.577
_cell.length_b   81.577
_cell.length_c   234.132
_cell.angle_alpha   90.00
_cell.angle_beta   90.00
_cell.angle_gamma   120.00
#
_symmetry.space_group_name_H-M   'P 61 2 2'
#
loop_
_entity.id
_entity.type
_entity.pdbx_description
1 polymer 'DDB1- and CUL4-associated factor 1'
2 non-polymer 1-[4-[4-(2-azanylethylamino)-2-[1-(4-chlorophenyl)cyclohexyl]quinazolin-7-yl]piperazin-1-yl]ethanone
3 non-polymer 1,2-ETHANEDIOL
4 water water
#
_entity_poly.entity_id   1
_entity_poly.type   'polypeptide(L)'
_entity_poly.pdbx_seq_one_letter_code
;GGGRFRPISVFREANEDESGFTCCAFSARERFLMLGTCTGQLKLYNVFSGQEEASYNCHNSAITHLEPSRDGSLLLTSAT
WSQPLSALWGMKSVFDMKHSFTEDHYVEFSKHSQDRVIGTKGDIAHIYDIQTGNKLLTLFNPDLANNYKRNCATFNPTDD
LVLNDGVLWDVRSALAIHKFDKFNMNISGVFHPNGLEVIINTEIWDLRTFHLLHTVPALDQCRVVFNHTGTVMYGAMLQA
DDEDDLMEERMKSPFGSSFRTFNATDYKPIATIDVKRNIFDLCTDTKDCYLAVIENQGSMDALNMDTVCRLYEVGRQR
;
_entity_poly.pdbx_strand_id   P
#
loop_
_chem_comp.id
_chem_comp.type
_chem_comp.name
_chem_comp.formula
EDO non-polymer 1,2-ETHANEDIOL 'C2 H6 O2'
VUF non-polymer 1-[4-[4-(2-azanylethylamino)-2-[1-(4-chlorophenyl)cyclohexyl]quinazolin-7-yl]piperazin-1-yl]ethanone 'C28 H35 Cl N6 O'
#
# COMPACT_ATOMS: atom_id res chain seq x y z
N PHE A 5 6.00 -20.97 3.75
CA PHE A 5 4.93 -20.50 2.82
C PHE A 5 4.24 -21.70 2.18
N ARG A 6 3.19 -22.23 2.80
CA ARG A 6 2.36 -23.28 2.19
C ARG A 6 1.23 -22.64 1.37
N PRO A 7 1.09 -22.95 0.07
CA PRO A 7 -0.04 -22.48 -0.72
C PRO A 7 -1.33 -23.16 -0.23
N ILE A 8 -2.32 -22.35 0.08
CA ILE A 8 -3.57 -22.74 0.77
C ILE A 8 -4.76 -22.51 -0.16
N SER A 9 -4.72 -21.44 -0.95
CA SER A 9 -5.79 -21.14 -1.91
C SER A 9 -5.27 -20.40 -3.14
N VAL A 10 -6.00 -20.53 -4.24
CA VAL A 10 -5.79 -19.70 -5.44
C VAL A 10 -7.15 -19.43 -6.02
N PHE A 11 -7.38 -18.21 -6.51
CA PHE A 11 -8.57 -17.97 -7.36
C PHE A 11 -8.28 -16.85 -8.36
N ARG A 12 -9.10 -16.81 -9.40
CA ARG A 12 -9.10 -15.70 -10.36
C ARG A 12 -10.48 -15.05 -10.33
N GLU A 13 -10.58 -13.93 -10.99
CA GLU A 13 -11.80 -13.12 -11.08
C GLU A 13 -12.92 -13.91 -11.75
N ALA A 14 -14.07 -13.90 -11.11
CA ALA A 14 -15.28 -14.65 -11.55
C ALA A 14 -15.66 -14.31 -13.01
N ASN A 15 -15.78 -15.36 -13.86
CA ASN A 15 -16.59 -15.45 -15.13
C ASN A 15 -15.88 -14.71 -16.31
N GLU A 16 -14.76 -13.99 -16.04
CA GLU A 16 -13.93 -13.26 -17.02
C GLU A 16 -13.15 -14.23 -17.90
N ASP A 17 -13.20 -14.10 -19.24
CA ASP A 17 -12.16 -14.70 -20.10
C ASP A 17 -10.81 -14.28 -19.45
N GLU A 18 -10.67 -13.00 -19.04
CA GLU A 18 -9.39 -12.59 -18.39
C GLU A 18 -9.61 -11.85 -17.06
N SER A 19 -8.77 -12.22 -16.12
CA SER A 19 -8.80 -11.93 -14.68
C SER A 19 -7.94 -10.70 -14.45
N GLY A 20 -8.53 -9.74 -13.72
CA GLY A 20 -8.06 -8.34 -13.64
C GLY A 20 -7.80 -7.85 -12.24
N PHE A 21 -7.60 -8.73 -11.25
CA PHE A 21 -7.10 -8.32 -9.90
C PHE A 21 -5.83 -7.49 -10.06
N THR A 22 -5.81 -6.32 -9.41
CA THR A 22 -4.67 -5.39 -9.40
C THR A 22 -4.21 -5.14 -7.96
N CYS A 23 -5.01 -5.41 -6.94
CA CYS A 23 -4.63 -5.04 -5.55
C CYS A 23 -5.58 -5.70 -4.57
N CYS A 24 -5.14 -5.85 -3.33
CA CYS A 24 -5.96 -6.55 -2.32
C CYS A 24 -5.69 -6.00 -0.91
N ALA A 25 -6.59 -6.34 0.00
CA ALA A 25 -6.55 -6.07 1.44
C ALA A 25 -7.69 -6.84 2.10
N PHE A 26 -7.39 -7.51 3.19
CA PHE A 26 -8.42 -8.19 4.00
C PHE A 26 -9.44 -7.19 4.53
N SER A 27 -10.70 -7.58 4.61
CA SER A 27 -11.73 -6.77 5.33
C SER A 27 -11.56 -6.96 6.85
N ALA A 28 -12.49 -6.45 7.67
CA ALA A 28 -12.75 -6.89 9.07
C ALA A 28 -12.94 -8.43 9.10
N ARG A 29 -13.96 -8.93 8.39
CA ARG A 29 -14.32 -10.37 8.36
C ARG A 29 -13.16 -11.16 7.76
N GLU A 30 -12.92 -12.33 8.30
CA GLU A 30 -11.57 -12.95 8.35
C GLU A 30 -11.29 -13.69 7.04
N ARG A 31 -12.35 -14.27 6.44
CA ARG A 31 -12.38 -15.22 5.28
C ARG A 31 -12.57 -14.45 3.94
N PHE A 32 -12.56 -13.10 4.02
CA PHE A 32 -13.10 -12.21 2.97
C PHE A 32 -12.04 -11.20 2.58
N LEU A 33 -11.60 -11.34 1.34
CA LEU A 33 -10.59 -10.44 0.79
C LEU A 33 -11.29 -9.38 -0.03
N MET A 34 -10.79 -8.16 0.05
CA MET A 34 -11.17 -7.11 -0.92
C MET A 34 -10.10 -6.97 -1.98
N LEU A 35 -10.54 -6.87 -3.21
CA LEU A 35 -9.66 -6.79 -4.40
C LEU A 35 -10.14 -5.68 -5.31
N GLY A 36 -9.19 -4.89 -5.77
CA GLY A 36 -9.39 -4.00 -6.93
C GLY A 36 -9.15 -4.71 -8.23
N THR A 37 -9.67 -4.14 -9.30
CA THR A 37 -9.48 -4.67 -10.65
C THR A 37 -9.05 -3.58 -11.64
N CYS A 38 -8.57 -4.02 -12.78
CA CYS A 38 -8.17 -3.20 -13.93
C CYS A 38 -9.37 -2.45 -14.55
N THR A 39 -10.61 -2.81 -14.25
CA THR A 39 -11.81 -2.07 -14.71
C THR A 39 -12.33 -1.14 -13.59
N GLY A 40 -11.55 -0.90 -12.53
CA GLY A 40 -11.93 -0.04 -11.42
C GLY A 40 -12.99 -0.64 -10.52
N GLN A 41 -13.21 -1.95 -10.54
CA GLN A 41 -14.16 -2.57 -9.60
C GLN A 41 -13.49 -2.84 -8.25
N LEU A 42 -14.30 -2.72 -7.21
CA LEU A 42 -14.00 -3.31 -5.90
C LEU A 42 -14.83 -4.58 -5.74
N LYS A 43 -14.22 -5.67 -5.33
CA LYS A 43 -14.88 -6.98 -5.24
C LYS A 43 -14.54 -7.59 -3.88
N LEU A 44 -15.51 -8.32 -3.34
CA LEU A 44 -15.35 -9.09 -2.11
C LEU A 44 -15.37 -10.57 -2.47
N TYR A 45 -14.32 -11.27 -2.03
CA TYR A 45 -14.13 -12.72 -2.32
C TYR A 45 -13.92 -13.48 -1.02
N ASN A 46 -14.59 -14.61 -0.94
CA ASN A 46 -14.20 -15.78 -0.13
C ASN A 46 -12.85 -16.27 -0.66
N VAL A 47 -11.86 -16.19 0.22
CA VAL A 47 -10.41 -16.39 -0.07
C VAL A 47 -10.08 -17.90 -0.20
N PHE A 48 -10.92 -18.78 0.35
CA PHE A 48 -10.78 -20.25 0.35
C PHE A 48 -11.46 -20.86 -0.89
N SER A 49 -12.74 -20.55 -1.14
CA SER A 49 -13.56 -21.08 -2.28
C SER A 49 -13.28 -20.32 -3.59
N GLY A 50 -12.94 -19.03 -3.51
CA GLY A 50 -12.79 -18.17 -4.69
C GLY A 50 -14.12 -17.58 -5.12
N GLN A 51 -15.15 -17.71 -4.28
CA GLN A 51 -16.52 -17.18 -4.54
C GLN A 51 -16.52 -15.64 -4.55
N GLU A 52 -17.05 -15.03 -5.61
CA GLU A 52 -17.28 -13.57 -5.63
C GLU A 52 -18.57 -13.22 -4.85
N GLU A 53 -18.51 -12.41 -3.79
CA GLU A 53 -19.68 -12.15 -2.90
C GLU A 53 -20.31 -10.79 -3.22
N ALA A 54 -19.52 -9.84 -3.70
CA ALA A 54 -20.07 -8.54 -4.10
C ALA A 54 -19.08 -7.76 -4.93
N SER A 55 -19.61 -6.72 -5.50
CA SER A 55 -19.03 -6.01 -6.65
C SER A 55 -19.48 -4.56 -6.65
N TYR A 56 -18.59 -3.61 -6.79
CA TYR A 56 -18.95 -2.18 -6.96
C TYR A 56 -18.00 -1.54 -7.95
N ASN A 57 -18.53 -0.69 -8.81
CA ASN A 57 -17.66 0.08 -9.74
C ASN A 57 -17.26 1.38 -9.09
N CYS A 58 -16.04 1.48 -8.58
CA CYS A 58 -15.51 2.66 -7.91
C CYS A 58 -14.87 3.64 -8.88
N HIS A 59 -14.21 3.17 -9.93
CA HIS A 59 -13.53 4.07 -10.89
C HIS A 59 -13.72 3.51 -12.29
N ASN A 60 -13.51 4.39 -13.27
CA ASN A 60 -13.45 4.00 -14.70
C ASN A 60 -12.00 3.91 -15.19
N SER A 61 -11.07 3.61 -14.31
CA SER A 61 -9.68 3.21 -14.66
C SER A 61 -9.25 2.21 -13.59
N ALA A 62 -8.17 1.52 -13.83
CA ALA A 62 -7.73 0.44 -12.93
C ALA A 62 -7.55 0.95 -11.48
N ILE A 63 -7.89 0.11 -10.52
CA ILE A 63 -7.53 0.37 -9.10
C ILE A 63 -6.03 0.09 -8.85
N THR A 64 -5.31 0.99 -8.20
CA THR A 64 -3.90 0.76 -7.82
C THR A 64 -3.75 0.40 -6.36
N HIS A 65 -4.66 0.87 -5.53
CA HIS A 65 -4.55 0.73 -4.09
C HIS A 65 -5.90 0.68 -3.44
N LEU A 66 -6.00 -0.08 -2.38
CA LEU A 66 -7.17 0.04 -1.49
C LEU A 66 -6.76 -0.20 -0.05
N GLU A 67 -7.46 0.48 0.86
CA GLU A 67 -7.26 0.42 2.33
C GLU A 67 -8.59 0.52 3.04
N PRO A 68 -9.02 -0.55 3.75
CA PRO A 68 -10.15 -0.48 4.67
C PRO A 68 -9.74 0.14 6.00
N SER A 69 -10.63 0.91 6.59
CA SER A 69 -10.53 1.37 7.99
C SER A 69 -10.57 0.12 8.90
N ARG A 70 -9.93 0.16 10.05
CA ARG A 70 -10.02 -0.92 11.05
C ARG A 70 -11.45 -1.17 11.46
N ASP A 71 -12.30 -0.15 11.61
CA ASP A 71 -13.68 -0.35 12.19
C ASP A 71 -14.60 -0.98 11.11
N GLY A 72 -14.10 -1.23 9.89
CA GLY A 72 -14.88 -1.77 8.76
C GLY A 72 -15.85 -0.80 8.09
N SER A 73 -15.93 0.49 8.47
CA SER A 73 -17.02 1.42 8.05
C SER A 73 -16.58 2.21 6.80
N LEU A 74 -15.27 2.31 6.49
CA LEU A 74 -14.74 3.20 5.44
C LEU A 74 -13.69 2.47 4.57
N LEU A 75 -13.56 2.91 3.33
CA LEU A 75 -12.54 2.40 2.40
C LEU A 75 -11.91 3.50 1.55
N LEU A 76 -10.59 3.44 1.40
CA LEU A 76 -9.89 4.30 0.42
C LEU A 76 -9.56 3.52 -0.86
N THR A 77 -9.76 4.14 -2.01
CA THR A 77 -9.31 3.60 -3.30
C THR A 77 -8.46 4.67 -3.98
N SER A 78 -7.55 4.21 -4.84
CA SER A 78 -6.79 5.05 -5.77
C SER A 78 -6.84 4.32 -7.10
N ALA A 79 -6.86 5.09 -8.16
CA ALA A 79 -7.00 4.62 -9.52
C ALA A 79 -5.85 5.23 -10.34
N THR A 80 -5.76 4.83 -11.58
CA THR A 80 -4.64 5.11 -12.51
C THR A 80 -4.91 6.43 -13.28
N TRP A 81 -6.10 6.61 -13.84
CA TRP A 81 -6.32 7.69 -14.84
C TRP A 81 -7.80 8.08 -14.77
N SER A 82 -8.21 8.63 -13.66
CA SER A 82 -9.63 8.94 -13.34
C SER A 82 -9.62 10.32 -12.71
N GLN A 83 -10.71 11.02 -12.88
CA GLN A 83 -10.97 12.25 -12.10
C GLN A 83 -12.33 12.03 -11.47
N PRO A 84 -12.40 11.87 -10.13
CA PRO A 84 -11.22 11.97 -9.25
C PRO A 84 -10.35 10.72 -9.22
N LEU A 85 -9.11 10.91 -8.84
CA LEU A 85 -8.09 9.88 -8.94
C LEU A 85 -8.18 8.94 -7.72
N SER A 86 -8.51 9.45 -6.53
CA SER A 86 -8.67 8.65 -5.30
C SER A 86 -10.01 9.01 -4.65
N ALA A 87 -10.54 8.16 -3.76
CA ALA A 87 -11.82 8.44 -3.09
C ALA A 87 -11.94 7.68 -1.77
N LEU A 88 -12.87 8.14 -0.95
CA LEU A 88 -13.25 7.54 0.33
C LEU A 88 -14.70 7.07 0.22
N TRP A 89 -14.96 5.80 0.50
CA TRP A 89 -16.30 5.15 0.45
C TRP A 89 -16.74 4.76 1.85
N GLY A 90 -18.01 4.84 2.12
CA GLY A 90 -18.67 4.28 3.32
C GLY A 90 -19.16 2.90 2.96
N MET A 91 -19.03 1.97 3.90
CA MET A 91 -19.42 0.53 3.79
C MET A 91 -20.36 0.09 4.92
N LYS A 92 -20.87 0.99 5.73
CA LYS A 92 -21.98 0.69 6.67
C LYS A 92 -23.30 0.80 5.86
N SER A 93 -24.06 -0.29 5.68
CA SER A 93 -25.47 -0.30 5.19
C SER A 93 -25.54 -0.36 3.66
N VAL A 94 -25.04 0.71 3.05
CA VAL A 94 -25.03 1.01 1.59
C VAL A 94 -23.59 1.39 1.26
N PHE A 95 -23.05 0.81 0.22
CA PHE A 95 -21.76 1.25 -0.34
C PHE A 95 -21.98 2.58 -1.08
N ASP A 96 -21.35 3.69 -0.70
CA ASP A 96 -21.56 5.03 -1.32
C ASP A 96 -20.25 5.80 -1.17
N MET A 97 -20.05 6.81 -1.97
CA MET A 97 -18.83 7.64 -1.94
C MET A 97 -19.05 8.74 -0.89
N LYS A 98 -18.08 9.04 -0.04
CA LYS A 98 -18.23 10.14 0.95
C LYS A 98 -17.49 11.34 0.41
N HIS A 99 -16.25 11.19 -0.01
CA HIS A 99 -15.40 12.31 -0.49
C HIS A 99 -14.52 11.79 -1.61
N SER A 100 -13.96 12.71 -2.38
CA SER A 100 -13.07 12.41 -3.50
C SER A 100 -11.83 13.30 -3.41
N PHE A 101 -10.68 12.77 -3.82
CA PHE A 101 -9.37 13.47 -3.78
C PHE A 101 -8.88 13.58 -5.22
N THR A 102 -9.02 14.75 -5.75
CA THR A 102 -9.23 14.97 -7.19
C THR A 102 -7.98 14.43 -7.93
N GLU A 103 -6.79 14.71 -7.46
CA GLU A 103 -5.54 14.39 -8.20
C GLU A 103 -4.55 13.67 -7.31
N ASP A 104 -4.97 13.13 -6.17
CA ASP A 104 -4.12 12.29 -5.30
C ASP A 104 -4.05 10.87 -5.87
N HIS A 105 -2.85 10.47 -6.29
CA HIS A 105 -2.58 9.12 -6.88
C HIS A 105 -2.47 8.06 -5.75
N TYR A 106 -2.35 8.49 -4.50
CA TYR A 106 -2.19 7.58 -3.35
C TYR A 106 -2.82 8.22 -2.11
N VAL A 107 -3.53 7.40 -1.31
CA VAL A 107 -4.12 7.85 -0.02
C VAL A 107 -3.96 6.75 1.04
N GLU A 108 -3.87 7.17 2.32
CA GLU A 108 -3.89 6.27 3.49
C GLU A 108 -4.64 6.95 4.63
N PHE A 109 -5.17 6.13 5.50
CA PHE A 109 -5.73 6.59 6.77
C PHE A 109 -4.59 6.99 7.73
N SER A 110 -4.84 7.99 8.56
CA SER A 110 -4.10 8.16 9.83
C SER A 110 -4.13 6.80 10.57
N LYS A 111 -3.20 6.53 11.47
CA LYS A 111 -2.90 5.17 12.02
C LYS A 111 -3.39 4.99 13.44
N HIS A 112 -3.26 5.98 14.30
CA HIS A 112 -3.61 5.84 15.72
C HIS A 112 -5.12 6.06 15.85
N SER A 113 -5.57 7.28 15.64
CA SER A 113 -7.00 7.59 15.52
C SER A 113 -7.32 7.79 14.02
N GLN A 114 -8.23 7.00 13.43
CA GLN A 114 -8.47 7.09 11.96
C GLN A 114 -9.54 8.18 11.64
N ASP A 115 -9.16 9.44 11.73
CA ASP A 115 -10.03 10.61 11.54
C ASP A 115 -9.52 11.44 10.34
N ARG A 116 -8.41 11.04 9.73
CA ARG A 116 -7.75 11.82 8.66
C ARG A 116 -7.33 10.91 7.53
N VAL A 117 -7.20 11.52 6.37
CA VAL A 117 -6.60 10.87 5.18
C VAL A 117 -5.37 11.70 4.78
N ILE A 118 -4.33 11.02 4.39
CA ILE A 118 -3.20 11.69 3.72
C ILE A 118 -3.14 11.22 2.29
N GLY A 119 -3.07 12.19 1.38
CA GLY A 119 -2.97 11.97 -0.06
C GLY A 119 -1.63 12.45 -0.57
N THR A 120 -1.18 11.83 -1.65
CA THR A 120 -0.01 12.25 -2.40
C THR A 120 -0.43 12.69 -3.79
N LYS A 121 0.02 13.90 -4.17
CA LYS A 121 -0.05 14.35 -5.55
C LYS A 121 1.34 14.78 -6.00
N GLY A 122 1.98 13.96 -6.85
CA GLY A 122 3.42 13.99 -7.12
C GLY A 122 4.23 14.09 -5.84
N ASP A 123 4.81 15.25 -5.61
CA ASP A 123 5.82 15.51 -4.56
C ASP A 123 5.16 16.19 -3.36
N ILE A 124 3.84 16.34 -3.40
CA ILE A 124 3.06 17.14 -2.42
C ILE A 124 2.19 16.18 -1.62
N ALA A 125 2.16 16.33 -0.30
CA ALA A 125 1.22 15.64 0.60
C ALA A 125 0.06 16.58 0.97
N HIS A 126 -1.15 16.03 1.00
CA HIS A 126 -2.41 16.69 1.45
C HIS A 126 -2.99 15.90 2.63
N ILE A 127 -3.39 16.55 3.69
CA ILE A 127 -4.10 15.88 4.81
C ILE A 127 -5.52 16.39 4.81
N TYR A 128 -6.45 15.47 4.89
CA TYR A 128 -7.88 15.79 4.91
C TYR A 128 -8.50 15.32 6.21
N ASP A 129 -9.54 16.03 6.64
CA ASP A 129 -10.48 15.59 7.68
C ASP A 129 -11.46 14.59 7.04
N ILE A 130 -11.63 13.42 7.64
CA ILE A 130 -12.62 12.40 7.14
C ILE A 130 -14.06 12.90 7.26
N GLN A 131 -14.40 13.64 8.27
CA GLN A 131 -15.82 14.03 8.47
C GLN A 131 -16.23 15.04 7.40
N THR A 132 -15.48 16.12 7.29
CA THR A 132 -15.81 17.27 6.43
C THR A 132 -15.30 17.02 5.02
N GLY A 133 -14.23 16.24 4.85
CA GLY A 133 -13.58 16.14 3.55
C GLY A 133 -12.67 17.33 3.29
N ASN A 134 -12.57 18.28 4.19
CA ASN A 134 -11.73 19.48 3.96
C ASN A 134 -10.25 19.12 4.00
N LYS A 135 -9.53 19.73 3.07
CA LYS A 135 -8.05 19.78 3.07
C LYS A 135 -7.63 20.69 4.22
N LEU A 136 -6.99 20.10 5.24
CA LEU A 136 -6.44 20.78 6.44
C LEU A 136 -5.03 21.31 6.19
N LEU A 137 -4.17 20.54 5.50
CA LEU A 137 -2.75 20.92 5.34
C LEU A 137 -2.24 20.54 3.95
N THR A 138 -1.29 21.34 3.46
CA THR A 138 -0.47 21.01 2.25
C THR A 138 0.98 21.00 2.69
N LEU A 139 1.64 19.86 2.62
CA LEU A 139 3.05 19.69 3.01
C LEU A 139 3.84 19.54 1.69
N PHE A 140 4.63 20.58 1.40
CA PHE A 140 5.54 20.73 0.25
C PHE A 140 6.50 21.88 0.57
N ASN A 141 7.77 21.64 0.27
CA ASN A 141 8.83 22.65 0.27
C ASN A 141 9.75 22.39 -0.92
N PRO A 142 9.73 23.28 -1.93
CA PRO A 142 10.45 23.03 -3.18
C PRO A 142 11.97 22.93 -2.91
N ASP A 143 12.48 23.62 -1.89
CA ASP A 143 13.92 23.63 -1.56
C ASP A 143 14.35 22.31 -0.93
N LEU A 144 13.39 21.50 -0.48
CA LEU A 144 13.70 20.27 0.28
C LEU A 144 13.27 19.01 -0.50
N ALA A 145 12.53 19.18 -1.57
CA ALA A 145 11.97 18.04 -2.33
C ALA A 145 13.10 17.11 -2.81
N ASN A 146 12.87 15.78 -2.79
CA ASN A 146 13.74 14.75 -3.40
C ASN A 146 13.25 14.38 -4.81
N ASN A 147 12.01 14.71 -5.17
CA ASN A 147 11.38 14.32 -6.46
C ASN A 147 11.44 12.81 -6.69
N TYR A 148 11.18 12.03 -5.65
CA TYR A 148 11.12 10.54 -5.79
C TYR A 148 10.05 10.23 -6.83
N LYS A 149 10.32 9.34 -7.77
CA LYS A 149 9.34 8.99 -8.84
C LYS A 149 8.20 8.12 -8.29
N ARG A 150 8.34 7.43 -7.16
CA ARG A 150 7.19 6.69 -6.58
C ARG A 150 6.86 7.24 -5.20
N ASN A 151 6.90 8.56 -5.06
CA ASN A 151 6.61 9.19 -3.76
C ASN A 151 5.24 8.75 -3.29
N CYS A 152 5.16 8.31 -2.03
CA CYS A 152 3.90 8.02 -1.30
C CYS A 152 4.03 8.57 0.12
N ALA A 153 3.23 9.61 0.44
CA ALA A 153 3.24 10.29 1.75
C ALA A 153 2.53 9.39 2.75
N THR A 154 3.03 9.41 3.98
CA THR A 154 2.51 8.46 4.99
C THR A 154 2.65 9.07 6.38
N PHE A 155 1.74 8.72 7.27
CA PHE A 155 1.75 9.09 8.69
C PHE A 155 2.58 8.08 9.46
N ASN A 156 3.17 8.50 10.58
CA ASN A 156 3.80 7.60 11.56
C ASN A 156 2.71 6.98 12.42
N PRO A 157 3.06 6.03 13.32
CA PRO A 157 2.07 5.32 14.16
C PRO A 157 1.22 6.18 15.10
N THR A 158 1.76 7.33 15.51
CA THR A 158 1.05 8.28 16.41
C THR A 158 0.40 9.40 15.62
N ASP A 159 0.51 9.40 14.30
CA ASP A 159 -0.20 10.42 13.45
C ASP A 159 0.39 11.83 13.62
N ASP A 160 1.54 11.99 14.29
CA ASP A 160 2.06 13.36 14.57
C ASP A 160 3.29 13.65 13.68
N LEU A 161 3.76 12.69 12.91
CA LEU A 161 4.84 12.91 11.92
C LEU A 161 4.37 12.37 10.57
N VAL A 162 4.83 13.02 9.51
CA VAL A 162 4.61 12.60 8.11
C VAL A 162 5.95 12.45 7.37
N LEU A 163 6.04 11.46 6.50
CA LEU A 163 7.18 11.36 5.59
C LEU A 163 6.62 11.63 4.21
N ASN A 164 7.13 12.67 3.59
CA ASN A 164 6.74 12.98 2.21
C ASN A 164 8.00 13.30 1.41
N ASP A 165 8.26 12.53 0.34
CA ASP A 165 9.33 12.81 -0.61
C ASP A 165 10.66 12.92 0.15
N GLY A 166 10.93 12.04 1.11
CA GLY A 166 12.22 11.99 1.87
C GLY A 166 12.38 13.10 2.89
N VAL A 167 11.30 13.84 3.15
CA VAL A 167 11.24 14.87 4.20
C VAL A 167 10.34 14.41 5.35
N LEU A 168 10.86 14.54 6.54
CA LEU A 168 10.10 14.34 7.79
C LEU A 168 9.43 15.66 8.17
N TRP A 169 8.11 15.64 8.33
CA TRP A 169 7.28 16.79 8.76
C TRP A 169 6.74 16.55 10.17
N ASP A 170 6.69 17.61 10.96
CA ASP A 170 5.88 17.68 12.20
C ASP A 170 4.49 18.17 11.83
N VAL A 171 3.48 17.34 12.06
CA VAL A 171 2.07 17.63 11.67
C VAL A 171 1.49 18.80 12.48
N ARG A 172 1.63 18.83 13.81
CA ARG A 172 1.10 19.88 14.74
C ARG A 172 1.57 21.28 14.31
N SER A 173 2.84 21.40 13.93
CA SER A 173 3.52 22.67 13.60
C SER A 173 3.68 22.87 12.08
N ALA A 174 3.36 21.86 11.26
CA ALA A 174 3.43 21.88 9.78
C ALA A 174 4.80 22.40 9.35
N LEU A 175 5.84 21.91 10.01
CA LEU A 175 7.25 22.30 9.80
C LEU A 175 8.02 21.07 9.30
N ALA A 176 8.92 21.27 8.34
CA ALA A 176 9.85 20.23 7.92
C ALA A 176 10.90 20.14 9.02
N ILE A 177 11.14 18.97 9.56
CA ILE A 177 12.11 18.73 10.66
C ILE A 177 13.45 18.32 10.06
N HIS A 178 13.45 17.51 8.98
CA HIS A 178 14.64 16.83 8.47
C HIS A 178 14.41 16.38 7.03
N LYS A 179 15.35 16.70 6.13
CA LYS A 179 15.37 16.12 4.77
C LYS A 179 16.39 15.00 4.81
N PHE A 180 15.99 13.77 4.57
CA PHE A 180 16.92 12.64 4.38
C PHE A 180 17.59 12.76 3.02
N ASP A 181 18.86 12.40 2.94
CA ASP A 181 19.65 12.46 1.69
C ASP A 181 19.00 11.51 0.67
N LYS A 182 19.10 11.86 -0.58
CA LYS A 182 18.60 11.05 -1.71
C LYS A 182 19.71 10.06 -2.14
N PHE A 183 19.36 8.77 -2.13
CA PHE A 183 20.25 7.64 -2.44
C PHE A 183 19.63 6.72 -3.49
N ASN A 184 18.43 7.01 -3.96
CA ASN A 184 17.80 6.23 -5.05
C ASN A 184 16.79 7.17 -5.74
N MET A 185 16.21 6.73 -6.85
CA MET A 185 15.40 7.59 -7.75
C MET A 185 13.91 7.42 -7.46
N ASN A 186 13.50 6.35 -6.78
CA ASN A 186 12.09 5.90 -6.77
C ASN A 186 11.47 5.93 -5.38
N ILE A 187 12.13 5.29 -4.41
CA ILE A 187 11.49 4.86 -3.12
C ILE A 187 11.65 5.98 -2.11
N SER A 188 10.56 6.41 -1.51
CA SER A 188 10.52 7.61 -0.65
C SER A 188 10.54 7.21 0.84
N GLY A 189 10.03 6.05 1.21
CA GLY A 189 10.21 5.50 2.56
C GLY A 189 8.94 5.38 3.40
N VAL A 190 9.04 4.68 4.54
CA VAL A 190 7.93 4.32 5.45
C VAL A 190 8.46 4.38 6.88
N PHE A 191 7.55 4.54 7.83
CA PHE A 191 7.86 4.45 9.26
C PHE A 191 7.76 2.99 9.65
N HIS A 192 8.71 2.56 10.46
CA HIS A 192 8.52 1.34 11.24
C HIS A 192 7.36 1.53 12.21
N PRO A 193 6.53 0.48 12.45
CA PRO A 193 5.53 0.46 13.50
C PRO A 193 6.06 0.73 14.92
N ASN A 194 7.36 0.60 15.20
CA ASN A 194 7.90 0.87 16.57
C ASN A 194 7.97 2.40 16.82
N GLY A 195 7.77 3.22 15.80
CA GLY A 195 7.72 4.67 16.02
C GLY A 195 9.12 5.31 16.19
N LEU A 196 10.20 4.56 16.04
CA LEU A 196 11.60 5.01 16.29
C LEU A 196 12.48 5.02 15.03
N GLU A 197 12.07 4.36 13.95
CA GLU A 197 12.90 4.06 12.76
C GLU A 197 12.14 4.45 11.51
N VAL A 198 12.92 4.86 10.53
CA VAL A 198 12.40 5.14 9.17
C VAL A 198 13.19 4.30 8.18
N ILE A 199 12.50 3.65 7.26
CA ILE A 199 13.07 2.77 6.21
C ILE A 199 12.90 3.47 4.88
N ILE A 200 13.99 3.91 4.29
CA ILE A 200 14.01 4.60 2.98
C ILE A 200 14.93 3.83 2.05
N ASN A 201 14.31 2.97 1.24
CA ASN A 201 15.00 2.07 0.32
C ASN A 201 15.90 1.15 1.16
N THR A 202 17.23 1.22 1.01
CA THR A 202 18.17 0.34 1.69
C THR A 202 18.64 0.91 3.04
N GLU A 203 18.24 2.13 3.38
CA GLU A 203 18.70 2.85 4.58
C GLU A 203 17.63 2.73 5.69
N ILE A 204 18.07 2.37 6.89
CA ILE A 204 17.27 2.41 8.14
C ILE A 204 17.88 3.50 9.01
N TRP A 205 17.11 4.56 9.21
CA TRP A 205 17.49 5.73 10.01
C TRP A 205 16.76 5.69 11.36
N ASP A 206 17.49 6.03 12.41
CA ASP A 206 16.93 6.33 13.74
C ASP A 206 16.25 7.70 13.70
N LEU A 207 14.96 7.80 14.09
CA LEU A 207 14.21 9.09 14.14
C LEU A 207 14.70 10.01 15.26
N ARG A 208 15.39 9.50 16.27
CA ARG A 208 15.76 10.33 17.42
C ARG A 208 17.13 10.94 17.18
N THR A 209 18.00 10.25 16.46
CA THR A 209 19.42 10.65 16.28
C THR A 209 19.74 10.94 14.81
N PHE A 210 18.92 10.46 13.87
CA PHE A 210 19.21 10.48 12.41
C PHE A 210 20.51 9.76 12.09
N HIS A 211 20.96 8.85 12.94
CA HIS A 211 22.08 7.96 12.57
C HIS A 211 21.56 6.89 11.64
N LEU A 212 22.47 6.32 10.87
CA LEU A 212 22.22 5.16 10.03
C LEU A 212 22.40 3.89 10.91
N LEU A 213 21.36 3.10 11.08
CA LEU A 213 21.38 1.92 11.94
C LEU A 213 21.71 0.68 11.14
N HIS A 214 21.13 0.55 9.95
CA HIS A 214 21.31 -0.60 9.04
C HIS A 214 21.32 -0.16 7.57
N THR A 215 22.02 -0.94 6.78
CA THR A 215 21.92 -1.00 5.31
C THR A 215 21.27 -2.33 4.99
N VAL A 216 20.24 -2.38 4.16
CA VAL A 216 19.66 -3.69 3.75
C VAL A 216 19.61 -3.72 2.24
N PRO A 217 20.66 -4.21 1.60
CA PRO A 217 20.72 -4.20 0.14
C PRO A 217 19.53 -4.87 -0.56
N ALA A 218 18.96 -5.89 0.06
CA ALA A 218 17.91 -6.74 -0.54
C ALA A 218 16.61 -5.95 -0.58
N LEU A 219 16.55 -4.82 0.12
CA LEU A 219 15.41 -3.90 0.12
C LEU A 219 15.48 -2.90 -1.04
N ASP A 220 16.55 -2.86 -1.81
CA ASP A 220 16.66 -1.90 -2.94
C ASP A 220 15.41 -1.99 -3.81
N GLN A 221 14.77 -0.86 -4.06
CA GLN A 221 13.64 -0.71 -4.99
C GLN A 221 12.45 -1.53 -4.49
N CYS A 222 12.32 -1.82 -3.18
CA CYS A 222 11.13 -2.50 -2.61
C CYS A 222 10.11 -1.54 -1.98
N ARG A 223 8.85 -1.82 -2.24
CA ARG A 223 7.68 -1.29 -1.50
C ARG A 223 7.54 -2.24 -0.30
N VAL A 224 7.76 -1.70 0.87
CA VAL A 224 7.79 -2.41 2.17
C VAL A 224 6.40 -2.29 2.80
N VAL A 225 5.93 -3.40 3.37
CA VAL A 225 4.64 -3.57 4.07
C VAL A 225 4.99 -4.32 5.38
N PHE A 226 4.36 -3.98 6.51
CA PHE A 226 4.50 -4.75 7.77
C PHE A 226 3.30 -5.66 8.01
N ASN A 227 3.49 -6.83 8.62
CA ASN A 227 2.36 -7.55 9.23
C ASN A 227 1.78 -6.69 10.37
N HIS A 228 0.65 -7.14 10.92
CA HIS A 228 -0.21 -6.37 11.84
C HIS A 228 0.50 -6.33 13.18
N THR A 229 1.22 -7.36 13.59
CA THR A 229 1.98 -7.36 14.85
C THR A 229 3.30 -6.54 14.72
N GLY A 230 3.71 -6.06 13.55
CA GLY A 230 4.98 -5.36 13.39
C GLY A 230 6.22 -6.23 13.60
N THR A 231 6.14 -7.55 13.41
CA THR A 231 7.30 -8.49 13.63
C THR A 231 7.99 -8.81 12.31
N VAL A 232 7.34 -8.59 11.17
CA VAL A 232 7.84 -9.09 9.86
C VAL A 232 7.53 -8.00 8.87
N MET A 233 8.47 -7.79 7.96
CA MET A 233 8.40 -6.74 6.90
C MET A 233 8.58 -7.44 5.54
N TYR A 234 7.69 -7.18 4.58
CA TYR A 234 7.56 -7.83 3.25
C TYR A 234 7.91 -6.79 2.20
N GLY A 235 8.73 -7.15 1.22
CA GLY A 235 9.12 -6.25 0.11
C GLY A 235 8.94 -6.93 -1.23
N ALA A 236 8.28 -6.30 -2.17
CA ALA A 236 8.42 -6.60 -3.60
C ALA A 236 9.17 -5.48 -4.32
N MET A 237 9.98 -5.84 -5.29
CA MET A 237 10.96 -4.96 -5.93
C MET A 237 10.30 -4.47 -7.21
N LEU A 238 10.37 -3.16 -7.47
CA LEU A 238 10.06 -2.55 -8.80
C LEU A 238 10.74 -3.32 -9.93
N GLN A 239 10.08 -3.44 -11.07
CA GLN A 239 10.76 -3.95 -12.30
C GLN A 239 11.62 -2.84 -12.91
N ALA A 240 12.60 -3.20 -13.74
CA ALA A 240 13.25 -2.30 -14.74
C ALA A 240 12.24 -1.91 -15.86
N LYS A 252 4.11 -3.05 -17.04
CA LYS A 252 2.65 -3.21 -16.76
C LYS A 252 2.40 -3.40 -15.24
N SER A 253 2.88 -4.45 -14.55
CA SER A 253 2.94 -4.37 -13.07
C SER A 253 4.09 -3.46 -12.67
N PRO A 254 4.00 -2.81 -11.51
CA PRO A 254 5.14 -2.09 -10.97
C PRO A 254 6.17 -3.05 -10.37
N PHE A 255 5.80 -4.27 -9.95
CA PHE A 255 6.77 -5.21 -9.35
C PHE A 255 7.16 -6.37 -10.24
N GLY A 256 8.28 -7.00 -9.81
CA GLY A 256 8.85 -8.23 -10.39
C GLY A 256 8.19 -9.43 -9.74
N SER A 257 8.81 -10.59 -9.90
CA SER A 257 8.18 -11.88 -9.56
C SER A 257 8.65 -12.41 -8.21
N SER A 258 9.43 -11.64 -7.47
CA SER A 258 9.90 -12.15 -6.16
C SER A 258 9.50 -11.18 -5.03
N PHE A 259 9.25 -11.74 -3.85
CA PHE A 259 9.10 -10.92 -2.63
C PHE A 259 10.10 -11.45 -1.61
N ARG A 260 10.44 -10.56 -0.69
N ARG A 260 10.61 -10.55 -0.77
CA ARG A 260 11.51 -10.69 0.33
CA ARG A 260 11.56 -10.86 0.32
C ARG A 260 10.87 -10.50 1.70
C ARG A 260 10.86 -10.56 1.65
N THR A 261 11.16 -11.36 2.68
CA THR A 261 10.70 -11.09 4.06
C THR A 261 11.91 -10.87 4.97
N PHE A 262 11.71 -10.01 5.94
CA PHE A 262 12.73 -9.66 6.95
C PHE A 262 12.12 -9.59 8.33
N ASN A 263 12.95 -9.96 9.29
CA ASN A 263 12.70 -9.81 10.72
C ASN A 263 12.69 -8.31 10.99
N ALA A 264 11.61 -7.80 11.55
CA ALA A 264 11.32 -6.37 11.67
C ALA A 264 12.18 -5.77 12.78
N THR A 265 12.64 -6.62 13.70
CA THR A 265 13.43 -6.21 14.88
C THR A 265 14.89 -6.05 14.50
N ASP A 266 15.50 -6.98 13.75
CA ASP A 266 16.97 -6.95 13.47
C ASP A 266 17.23 -6.84 11.97
N TYR A 267 16.19 -6.82 11.13
CA TYR A 267 16.28 -6.67 9.66
C TYR A 267 17.01 -7.84 8.97
N LYS A 268 17.15 -8.97 9.63
CA LYS A 268 17.81 -10.17 9.06
C LYS A 268 16.83 -10.83 8.09
N PRO A 269 17.29 -11.11 6.84
CA PRO A 269 16.48 -11.80 5.83
C PRO A 269 15.87 -13.05 6.44
N ILE A 270 14.60 -13.31 6.18
CA ILE A 270 13.94 -14.60 6.55
C ILE A 270 13.77 -15.44 5.28
N ALA A 271 13.26 -14.89 4.17
CA ALA A 271 13.03 -15.67 2.94
C ALA A 271 12.94 -14.78 1.67
N THR A 272 13.44 -15.33 0.55
CA THR A 272 13.23 -14.81 -0.81
C THR A 272 12.39 -15.83 -1.54
N ILE A 273 11.21 -15.44 -2.00
CA ILE A 273 10.27 -16.32 -2.73
C ILE A 273 10.11 -15.72 -4.11
N ASP A 274 10.50 -16.48 -5.11
CA ASP A 274 10.24 -16.17 -6.53
C ASP A 274 9.01 -16.99 -6.98
N VAL A 275 7.90 -16.33 -7.21
CA VAL A 275 6.65 -17.04 -7.59
C VAL A 275 6.59 -17.18 -9.10
N LYS A 276 7.54 -16.56 -9.82
CA LYS A 276 7.81 -16.73 -11.27
C LYS A 276 6.74 -16.03 -12.12
N ARG A 277 5.98 -15.14 -11.51
CA ARG A 277 4.89 -14.32 -12.11
C ARG A 277 5.07 -12.94 -11.45
N ASN A 278 4.93 -11.89 -12.23
CA ASN A 278 5.03 -10.51 -11.70
C ASN A 278 3.91 -10.25 -10.69
N ILE A 279 4.28 -9.59 -9.62
CA ILE A 279 3.41 -9.34 -8.47
C ILE A 279 2.77 -7.97 -8.63
N PHE A 280 1.49 -7.88 -8.31
CA PHE A 280 0.74 -6.60 -8.32
C PHE A 280 0.59 -6.10 -6.89
N ASP A 281 0.47 -6.98 -5.89
CA ASP A 281 0.20 -6.58 -4.50
C ASP A 281 0.37 -7.78 -3.58
N LEU A 282 0.56 -7.51 -2.30
CA LEU A 282 0.48 -8.56 -1.27
C LEU A 282 -0.03 -7.92 0.01
N CYS A 283 -0.63 -8.71 0.90
CA CYS A 283 -1.12 -8.17 2.19
C CYS A 283 -1.31 -9.35 3.13
N THR A 284 -1.48 -9.10 4.42
CA THR A 284 -1.68 -10.15 5.44
C THR A 284 -3.04 -9.89 6.08
N ASP A 285 -3.64 -10.92 6.65
CA ASP A 285 -4.81 -10.78 7.55
C ASP A 285 -4.30 -10.19 8.87
N THR A 286 -5.25 -9.67 9.64
CA THR A 286 -5.07 -8.94 10.93
C THR A 286 -4.44 -9.90 11.95
N LYS A 287 -4.65 -11.19 11.86
CA LYS A 287 -4.06 -12.17 12.80
C LYS A 287 -2.70 -12.66 12.27
N ASP A 288 -2.27 -12.23 11.06
CA ASP A 288 -0.94 -12.55 10.48
C ASP A 288 -0.74 -14.07 10.30
N CYS A 289 -1.80 -14.78 9.93
CA CYS A 289 -1.77 -16.23 9.60
C CYS A 289 -1.53 -16.42 8.09
N TYR A 290 -1.94 -15.48 7.24
CA TYR A 290 -2.10 -15.69 5.78
C TYR A 290 -1.45 -14.53 5.05
N LEU A 291 -0.82 -14.79 3.91
CA LEU A 291 -0.32 -13.75 2.98
C LEU A 291 -1.05 -13.93 1.66
N ALA A 292 -1.65 -12.88 1.17
CA ALA A 292 -2.33 -12.92 -0.12
C ALA A 292 -1.46 -12.16 -1.13
N VAL A 293 -1.21 -12.80 -2.26
CA VAL A 293 -0.39 -12.23 -3.35
C VAL A 293 -1.19 -12.24 -4.63
N ILE A 294 -1.15 -11.11 -5.29
CA ILE A 294 -1.70 -10.94 -6.67
CA ILE A 294 -1.69 -10.98 -6.67
C ILE A 294 -0.53 -11.17 -7.61
N GLU A 295 -0.64 -12.19 -8.43
CA GLU A 295 0.38 -12.69 -9.37
C GLU A 295 -0.21 -12.71 -10.77
N ASN A 296 0.53 -12.18 -11.72
CA ASN A 296 0.12 -12.16 -13.14
C ASN A 296 0.67 -13.37 -13.90
N GLN A 297 -0.22 -14.15 -14.47
CA GLN A 297 0.17 -15.30 -15.28
C GLN A 297 0.58 -14.81 -16.68
N GLY A 298 0.00 -13.70 -17.12
CA GLY A 298 0.33 -13.09 -18.42
C GLY A 298 1.59 -12.26 -18.32
N SER A 299 2.22 -11.96 -19.46
CA SER A 299 3.28 -10.93 -19.65
C SER A 299 2.62 -9.55 -19.80
N MET A 300 3.45 -8.48 -19.72
CA MET A 300 3.09 -7.06 -20.01
C MET A 300 2.42 -6.98 -21.40
N ASP A 301 2.93 -7.78 -22.33
CA ASP A 301 2.57 -7.73 -23.76
C ASP A 301 1.22 -8.41 -24.02
N ALA A 302 0.63 -9.14 -23.05
CA ALA A 302 -0.64 -9.89 -23.26
C ALA A 302 -1.73 -8.91 -23.67
N LEU A 303 -2.77 -9.35 -24.39
CA LEU A 303 -3.89 -8.44 -24.73
C LEU A 303 -4.51 -8.01 -23.40
N ASN A 304 -5.26 -8.90 -22.74
CA ASN A 304 -5.76 -8.75 -21.35
C ASN A 304 -4.73 -9.26 -20.31
N MET A 305 -4.76 -8.62 -19.15
CA MET A 305 -4.26 -9.16 -17.85
C MET A 305 -4.81 -10.56 -17.55
N ASP A 306 -4.05 -11.29 -16.75
CA ASP A 306 -4.58 -12.58 -16.27
C ASP A 306 -4.03 -12.88 -14.87
N THR A 307 -4.50 -12.18 -13.87
CA THR A 307 -3.92 -12.29 -12.52
C THR A 307 -4.66 -13.39 -11.76
N VAL A 308 -4.00 -13.88 -10.74
CA VAL A 308 -4.62 -14.80 -9.75
C VAL A 308 -4.30 -14.23 -8.39
N CYS A 309 -5.20 -14.48 -7.46
CA CYS A 309 -4.91 -14.25 -6.05
C CYS A 309 -4.45 -15.57 -5.45
N ARG A 310 -3.23 -15.59 -4.91
CA ARG A 310 -2.66 -16.76 -4.19
C ARG A 310 -2.54 -16.46 -2.70
N LEU A 311 -3.08 -17.39 -1.92
CA LEU A 311 -3.09 -17.34 -0.45
C LEU A 311 -2.08 -18.36 0.09
N TYR A 312 -1.13 -17.89 0.88
CA TYR A 312 -0.11 -18.74 1.55
C TYR A 312 -0.33 -18.68 3.07
N GLU A 313 -0.22 -19.80 3.77
CA GLU A 313 -0.05 -19.85 5.25
C GLU A 313 1.42 -19.55 5.52
N VAL A 314 1.79 -18.70 6.47
CA VAL A 314 3.20 -18.20 6.63
C VAL A 314 4.12 -19.22 7.37
N GLY A 315 5.21 -19.63 6.65
CA GLY A 315 6.26 -20.64 6.98
C GLY A 315 7.54 -20.48 6.14
C1 VUF B . -1.23 -2.08 -9.91
C2 VUF B . -0.17 0.17 -10.02
C3 VUF B . 0.18 -0.03 -8.67
C11 VUF B . 1.82 2.19 -6.15
C12 VUF B . 3.28 1.94 -5.93
C13 VUF B . 3.85 2.58 -4.83
C14 VUF B . 5.25 2.47 -4.59
C15 VUF B . 5.96 1.68 -5.49
C16 VUF B . 5.38 1.07 -6.63
C17 VUF B . 4.05 1.25 -6.84
C18 VUF B . 0.64 -2.19 -4.38
C19 VUF B . -0.23 -1.27 -3.44
C21 VUF B . -0.83 -0.93 -10.62
C23 VUF B . 1.21 2.41 -4.73
C24 VUF B . -0.37 2.57 -4.83
C25 VUF B . -0.70 3.76 -5.75
C26 VUF B . 0.15 4.03 -7.01
C27 VUF B . 1.60 3.48 -7.07
C29 VUF B . -2.60 -1.23 -12.30
C30 VUF B . -2.69 -1.72 -13.77
C4 VUF B . -0.21 -1.15 -7.91
C5 VUF B . -0.90 -2.17 -8.55
C6 VUF B . 0.23 -1.20 -6.58
N7 VUF B . 0.87 -0.12 -6.01
N8 VUF B . 0.03 -2.20 -5.70
N9 VUF B . 0.85 0.97 -8.07
C10 VUF B . 1.12 0.97 -6.77
N20 VUF B . -1.65 -1.52 -3.70
N22 VUF B . -1.19 -0.89 -11.97
CL28 VUF B . 7.68 1.39 -5.24
N31 VUF B . -2.08 -0.62 -14.53
C32 VUF B . -0.72 -0.09 -14.23
C33 VUF B . -0.57 0.23 -12.76
C34 VUF B . -2.81 0.01 -15.55
O35 VUF B . -3.91 -0.39 -15.84
C36 VUF B . -2.27 1.18 -16.42
C1 VUF C . -22.38 -10.78 1.05
C2 VUF C . -20.91 -9.14 2.31
C3 VUF C . -21.46 -8.08 1.60
C11 VUF C . -21.29 -4.24 1.34
C12 VUF C . -20.40 -4.22 0.09
C13 VUF C . -19.03 -4.42 0.33
C14 VUF C . -18.19 -4.41 -0.75
C15 VUF C . -18.73 -4.20 -2.05
C16 VUF C . -20.12 -3.98 -2.33
C17 VUF C . -20.95 -4.01 -1.23
C18 VUF C . -25.48 -7.18 -0.71
C19 VUF C . -26.27 -6.19 -1.64
C21 VUF C . -21.36 -10.47 2.01
C23 VUF C . -20.61 -4.02 2.77
C24 VUF C . -21.64 -4.09 3.95
C25 VUF C . -22.95 -3.27 3.62
C26 VUF C . -22.84 -2.36 2.35
C27 VUF C . -22.51 -3.24 1.11
C29 VUF C . -19.63 -11.36 3.62
C30 VUF C . -19.73 -12.39 4.77
C4 VUF C . -22.49 -8.36 0.60
C5 VUF C . -22.95 -9.71 0.33
C6 VUF C . -23.05 -7.25 -0.10
N7 VUF C . -22.57 -6.03 0.23
N8 VUF C . -24.04 -7.32 -1.06
N9 VUF C . -21.02 -6.80 1.88
C10 VUF C . -21.60 -5.76 1.18
N20 VUF C . -25.24 -5.43 -2.42
N22 VUF C . -20.79 -11.56 2.71
CL28 VUF C . -17.49 -4.30 -3.32
N31 VUF C . -20.66 -13.56 4.56
C32 VUF C . -21.45 -13.89 3.33
C33 VUF C . -21.10 -12.92 2.19
C34 VUF C . -20.75 -14.40 5.64
O35 VUF C . -20.09 -14.07 6.63
C36 VUF C . -21.64 -15.66 5.66
C1 EDO D . 7.38 3.52 -0.73
O1 EDO D . 8.28 4.02 0.23
C2 EDO D . 7.06 4.54 -1.72
O2 EDO D . 8.17 4.93 -2.52
C1 EDO E . 3.08 -4.37 -2.17
O1 EDO E . 2.00 -3.76 -1.44
C2 EDO E . 4.32 -4.24 -1.40
O2 EDO E . 5.45 -4.66 -2.09
C1 EDO F . 3.02 -8.08 -15.56
O1 EDO F . 3.57 -6.97 -14.92
C2 EDO F . 3.93 -8.64 -16.58
O2 EDO F . 4.00 -10.08 -16.68
C1 EDO G . -12.41 0.38 -17.54
O1 EDO G . -12.52 -0.54 -18.60
C2 EDO G . -13.73 0.31 -16.94
O2 EDO G . -14.42 -0.80 -17.31
#